data_5J2S
#
_entry.id   5J2S
#
_cell.length_a   60.721
_cell.length_b   60.721
_cell.length_c   76.589
_cell.angle_alpha   90.00
_cell.angle_beta   90.00
_cell.angle_gamma   120.00
#
_symmetry.space_group_name_H-M   'P 32'
#
loop_
_entity.id
_entity.type
_entity.pdbx_description
1 polymer 'Killer cell lectin-like receptor subfamily B member 1B allele A'
2 branched beta-D-mannopyranose-(1-4)-2-acetamido-2-deoxy-beta-D-glucopyranose-(1-4)-2-acetamido-2-deoxy-beta-D-glucopyranose
3 water water
#
_entity_poly.entity_id   1
_entity_poly.type   'polypeptide(L)'
_entity_poly.pdbx_seq_one_letter_code
;GTGVQENRTKTTDSPAKLKCPKDWHSHQDKCFHVSQTSITWKGSLADCGGKGATLLLVQDQEELRFLRNLTKRISSSFWI
GLSYTLSDEKWKWINGSTLNSDALNITGDTEKDSCASVSQDKVLSESCDSDNIWICQ(6DN)ELKRESTCNDS
;
_entity_poly.pdbx_strand_id   A,B
#
loop_
_chem_comp.id
_chem_comp.type
_chem_comp.name
_chem_comp.formula
6DN non-polymer '(2~{S})-2-azanyl-6-(2-hydroxy-2-oxoethylamino)hexanoic acid' 'C8 H16 N2 O4'
BMA D-saccharide, beta linking beta-D-mannopyranose 'C6 H12 O6'
NAG D-saccharide, beta linking 2-acetamido-2-deoxy-beta-D-glucopyranose 'C8 H15 N O6'
#
# COMPACT_ATOMS: atom_id res chain seq x y z
N LYS A 19 17.92 -2.00 9.55
CA LYS A 19 17.47 -0.70 10.14
C LYS A 19 16.02 -0.77 10.71
N CYS A 20 15.02 -0.55 9.86
CA CYS A 20 13.59 -0.50 10.22
C CYS A 20 13.23 0.75 11.01
N PRO A 21 11.94 0.96 11.29
CA PRO A 21 11.53 1.99 12.24
C PRO A 21 10.96 1.44 13.55
N LYS A 22 10.75 2.36 14.49
CA LYS A 22 10.36 2.05 15.85
C LYS A 22 9.14 1.15 15.83
N ASP A 23 9.25 0.00 16.51
CA ASP A 23 8.13 -0.94 16.73
C ASP A 23 7.88 -1.90 15.58
N TRP A 24 8.82 -1.93 14.63
CA TRP A 24 8.85 -2.90 13.54
C TRP A 24 10.01 -3.88 13.77
N HIS A 25 9.84 -5.12 13.31
CA HIS A 25 10.74 -6.24 13.56
C HIS A 25 11.54 -6.57 12.30
N SER A 26 12.87 -6.57 12.37
CA SER A 26 13.71 -6.80 11.19
C SER A 26 13.95 -8.29 10.97
N HIS A 27 14.14 -8.68 9.71
CA HIS A 27 14.31 -10.09 9.33
C HIS A 27 14.72 -10.20 7.87
N GLN A 28 15.95 -10.66 7.63
CA GLN A 28 16.59 -10.65 6.31
C GLN A 28 16.61 -9.19 5.83
N ASP A 29 16.16 -8.91 4.59
CA ASP A 29 16.12 -7.55 4.07
C ASP A 29 14.76 -6.85 4.31
N LYS A 30 13.88 -7.44 5.15
CA LYS A 30 12.53 -6.91 5.39
C LYS A 30 12.26 -6.41 6.82
N CYS A 31 11.37 -5.42 6.95
CA CYS A 31 10.80 -5.00 8.24
C CYS A 31 9.31 -5.32 8.30
N PHE A 32 8.86 -5.88 9.42
CA PHE A 32 7.48 -6.20 9.64
C PHE A 32 6.83 -5.46 10.80
N HIS A 33 5.55 -5.11 10.66
CA HIS A 33 4.77 -4.54 11.76
C HIS A 33 3.52 -5.33 11.88
N VAL A 34 3.23 -5.82 13.06
CA VAL A 34 2.05 -6.63 13.27
C VAL A 34 0.97 -5.69 13.77
N SER A 35 -0.26 -5.88 13.30
CA SER A 35 -1.33 -4.98 13.67
C SER A 35 -1.77 -5.24 15.10
N GLN A 36 -2.52 -4.29 15.64
CA GLN A 36 -3.04 -4.31 17.01
C GLN A 36 -4.55 -4.50 17.05
N THR A 37 -5.12 -4.61 15.87
CA THR A 37 -6.50 -4.77 15.67
C THR A 37 -6.66 -5.75 14.52
N SER A 38 -7.90 -6.07 14.25
CA SER A 38 -8.31 -6.98 13.20
CA SER A 38 -8.33 -6.98 13.18
C SER A 38 -9.15 -6.16 12.24
N ILE A 39 -9.06 -6.45 10.94
CA ILE A 39 -9.76 -5.61 9.92
C ILE A 39 -10.04 -6.42 8.62
N THR A 40 -10.86 -5.92 7.71
CA THR A 40 -11.05 -6.59 6.39
C THR A 40 -9.84 -6.52 5.46
N TRP A 41 -9.81 -7.35 4.44
CA TRP A 41 -8.58 -7.40 3.61
C TRP A 41 -8.27 -6.04 3.01
N LYS A 42 -9.28 -5.39 2.49
CA LYS A 42 -9.13 -4.11 1.84
C LYS A 42 -8.73 -3.01 2.84
N GLY A 43 -9.29 -3.05 4.04
CA GLY A 43 -8.84 -2.13 5.10
C GLY A 43 -7.39 -2.31 5.42
N SER A 44 -6.91 -3.57 5.41
CA SER A 44 -5.52 -3.78 5.70
C SER A 44 -4.62 -3.19 4.57
N LEU A 45 -5.11 -3.23 3.33
CA LEU A 45 -4.39 -2.63 2.20
C LEU A 45 -4.20 -1.16 2.49
N ALA A 46 -5.28 -0.47 2.90
CA ALA A 46 -5.22 0.98 3.21
C ALA A 46 -4.30 1.26 4.38
N ASP A 47 -4.36 0.42 5.40
CA ASP A 47 -3.47 0.57 6.54
C ASP A 47 -1.98 0.50 6.20
N CYS A 48 -1.53 -0.52 5.46
CA CYS A 48 -0.14 -0.67 5.16
C CYS A 48 0.25 0.43 4.17
N GLY A 49 -0.66 0.80 3.25
CA GLY A 49 -0.50 1.98 2.43
C GLY A 49 -0.16 3.28 3.18
N GLY A 50 -0.85 3.55 4.26
CA GLY A 50 -0.62 4.79 5.08
C GLY A 50 0.75 4.76 5.78
N LYS A 51 1.35 3.57 5.86
CA LYS A 51 2.65 3.39 6.44
C LYS A 51 3.70 3.18 5.37
N GLY A 52 3.38 3.45 4.10
CA GLY A 52 4.40 3.24 3.05
C GLY A 52 4.85 1.82 2.96
N ALA A 53 3.94 0.89 3.22
CA ALA A 53 4.26 -0.50 3.24
C ALA A 53 3.23 -1.29 2.38
N THR A 54 3.36 -2.59 2.32
CA THR A 54 2.37 -3.45 1.71
C THR A 54 2.10 -4.63 2.62
N LEU A 55 1.01 -5.31 2.36
CA LEU A 55 0.80 -6.63 2.90
C LEU A 55 1.93 -7.58 2.44
N LEU A 56 2.01 -8.70 3.13
CA LEU A 56 3.14 -9.64 2.99
C LEU A 56 3.25 -10.33 1.62
N LEU A 57 4.41 -10.27 0.99
CA LEU A 57 4.75 -11.19 -0.13
C LEU A 57 5.70 -12.25 0.44
N VAL A 58 5.18 -13.43 0.74
CA VAL A 58 5.96 -14.45 1.40
C VAL A 58 7.13 -14.88 0.50
N GLN A 59 8.34 -14.77 1.05
CA GLN A 59 9.57 -15.12 0.36
C GLN A 59 9.91 -16.61 0.48
N ASP A 60 9.94 -17.14 1.71
CA ASP A 60 10.32 -18.56 1.99
C ASP A 60 9.34 -19.21 2.95
N GLN A 61 9.46 -20.52 3.11
CA GLN A 61 8.80 -21.20 4.24
C GLN A 61 9.52 -20.83 5.55
N GLU A 62 10.81 -20.47 5.43
CA GLU A 62 11.58 -19.77 6.48
C GLU A 62 10.86 -18.55 7.03
N GLU A 63 10.45 -17.65 6.13
CA GLU A 63 9.75 -16.41 6.52
C GLU A 63 8.41 -16.72 7.16
N LEU A 64 7.66 -17.66 6.58
CA LEU A 64 6.38 -18.01 7.15
C LEU A 64 6.53 -18.57 8.55
N ARG A 65 7.65 -19.26 8.79
CA ARG A 65 8.01 -19.73 10.14
C ARG A 65 8.25 -18.56 11.10
N PHE A 66 9.19 -17.69 10.75
CA PHE A 66 9.48 -16.49 11.53
C PHE A 66 8.24 -15.64 11.95
N LEU A 67 7.27 -15.51 11.05
CA LEU A 67 6.07 -14.69 11.32
C LEU A 67 5.03 -15.45 12.09
N ARG A 68 4.95 -16.74 11.85
CA ARG A 68 4.07 -17.60 12.63
C ARG A 68 4.48 -17.60 14.10
N ASN A 69 5.78 -17.47 14.37
CA ASN A 69 6.29 -17.34 15.74
C ASN A 69 5.89 -15.98 16.27
N LEU A 70 6.38 -14.92 15.62
CA LEU A 70 6.03 -13.54 15.96
C LEU A 70 4.53 -13.31 16.27
N THR A 71 3.65 -13.98 15.53
CA THR A 71 2.20 -13.90 15.73
C THR A 71 1.63 -15.01 16.61
N LYS A 72 2.48 -15.88 17.17
CA LYS A 72 2.07 -16.97 18.05
C LYS A 72 1.22 -16.45 19.19
N ARG A 73 1.75 -15.42 19.88
CA ARG A 73 1.11 -14.79 21.04
C ARG A 73 -0.25 -14.14 20.71
N ILE A 74 -0.42 -13.65 19.49
CA ILE A 74 -1.72 -13.07 19.03
C ILE A 74 -2.75 -14.13 18.60
N SER A 75 -2.30 -15.35 18.26
CA SER A 75 -3.15 -16.45 17.73
C SER A 75 -3.68 -16.04 16.34
N SER A 76 -4.99 -16.13 16.11
CA SER A 76 -5.73 -15.23 15.16
C SER A 76 -5.73 -15.50 13.62
N SER A 77 -4.54 -15.48 13.02
CA SER A 77 -4.29 -15.65 11.56
C SER A 77 -4.30 -14.31 10.83
N PHE A 78 -3.18 -14.05 10.17
CA PHE A 78 -2.89 -12.73 9.63
C PHE A 78 -3.01 -12.70 8.13
N TRP A 79 -3.70 -11.67 7.64
CA TRP A 79 -3.84 -11.42 6.21
C TRP A 79 -2.50 -11.35 5.49
N ILE A 80 -2.45 -11.86 4.25
CA ILE A 80 -1.32 -11.69 3.38
C ILE A 80 -1.69 -11.10 2.02
N GLY A 81 -0.67 -10.73 1.25
CA GLY A 81 -0.90 -9.99 0.00
C GLY A 81 -1.22 -10.95 -1.14
N LEU A 82 -2.31 -11.68 -1.04
CA LEU A 82 -2.63 -12.77 -1.97
C LEU A 82 -4.10 -12.87 -1.96
N SER A 83 -4.70 -13.00 -3.13
CA SER A 83 -6.16 -13.07 -3.24
C SER A 83 -6.56 -13.77 -4.53
N TYR A 84 -7.86 -14.06 -4.64
CA TYR A 84 -8.47 -14.67 -5.78
C TYR A 84 -9.62 -13.82 -6.24
N THR A 85 -9.58 -13.30 -7.48
CA THR A 85 -10.72 -12.56 -8.05
C THR A 85 -11.32 -13.43 -9.16
N LEU A 86 -12.63 -13.63 -9.11
CA LEU A 86 -13.31 -14.65 -9.93
C LEU A 86 -13.10 -14.40 -11.44
N SER A 87 -13.18 -13.14 -11.84
CA SER A 87 -12.95 -12.76 -13.23
C SER A 87 -11.54 -13.10 -13.76
N ASP A 88 -10.52 -13.10 -12.90
CA ASP A 88 -9.15 -13.54 -13.28
C ASP A 88 -9.02 -15.03 -13.47
N GLU A 89 -9.81 -15.79 -12.70
CA GLU A 89 -9.79 -17.26 -12.68
C GLU A 89 -8.55 -17.88 -12.02
N LYS A 90 -7.85 -17.13 -11.16
CA LYS A 90 -6.63 -17.66 -10.52
C LYS A 90 -6.20 -16.86 -9.28
N TRP A 91 -5.43 -17.50 -8.40
CA TRP A 91 -4.79 -16.85 -7.25
C TRP A 91 -3.62 -15.99 -7.68
N LYS A 92 -3.58 -14.76 -7.17
CA LYS A 92 -2.55 -13.78 -7.48
C LYS A 92 -2.07 -13.03 -6.26
N TRP A 93 -0.76 -12.96 -6.08
CA TRP A 93 -0.13 -12.03 -5.13
C TRP A 93 -0.38 -10.59 -5.58
N ILE A 94 -0.31 -9.65 -4.64
CA ILE A 94 -0.44 -8.24 -4.96
C ILE A 94 0.61 -7.72 -5.92
N ASN A 95 1.72 -8.45 -6.07
CA ASN A 95 2.75 -8.08 -7.09
C ASN A 95 2.40 -8.48 -8.52
N GLY A 96 1.23 -9.06 -8.74
CA GLY A 96 0.83 -9.48 -10.07
C GLY A 96 1.08 -10.96 -10.39
N SER A 97 2.04 -11.61 -9.74
CA SER A 97 2.34 -13.03 -10.01
C SER A 97 1.28 -13.98 -9.58
N THR A 98 1.05 -15.05 -10.38
CA THR A 98 0.13 -16.11 -10.01
C THR A 98 0.80 -16.90 -8.92
N LEU A 99 0.00 -17.44 -8.00
CA LEU A 99 0.47 -18.27 -6.92
C LEU A 99 0.97 -19.63 -7.42
N ASN A 100 2.22 -19.96 -7.08
CA ASN A 100 2.75 -21.33 -7.15
C ASN A 100 2.23 -22.25 -6.07
N SER A 101 1.29 -23.15 -6.41
CA SER A 101 0.54 -24.00 -5.45
C SER A 101 1.36 -24.94 -4.59
N ASP A 102 2.63 -25.15 -4.92
CA ASP A 102 3.57 -25.84 -4.02
C ASP A 102 4.91 -25.09 -3.87
N ALA A 103 4.84 -23.77 -3.95
CA ALA A 103 5.68 -22.93 -3.09
C ALA A 103 4.84 -22.71 -1.82
N LEU A 104 3.53 -22.60 -1.99
CA LEU A 104 2.64 -22.32 -0.90
C LEU A 104 1.25 -22.80 -1.27
N ASN A 105 0.68 -23.69 -0.46
CA ASN A 105 -0.59 -24.32 -0.80
C ASN A 105 -1.74 -23.67 -0.07
N ILE A 106 -2.72 -23.18 -0.81
CA ILE A 106 -3.87 -22.54 -0.20
C ILE A 106 -4.95 -23.58 0.00
N THR A 107 -5.71 -23.47 1.08
CA THR A 107 -6.73 -24.44 1.42
C THR A 107 -8.08 -23.73 1.67
N GLY A 108 -9.14 -24.20 0.98
CA GLY A 108 -10.49 -23.67 1.16
C GLY A 108 -11.13 -23.43 -0.18
N ASP A 109 -12.40 -23.05 -0.18
CA ASP A 109 -13.20 -22.97 -1.41
C ASP A 109 -12.95 -21.69 -2.22
N THR A 110 -13.49 -21.64 -3.45
CA THR A 110 -13.33 -20.48 -4.34
C THR A 110 -14.51 -20.24 -5.30
N GLU A 111 -15.73 -20.37 -4.79
CA GLU A 111 -16.92 -19.99 -5.57
C GLU A 111 -17.17 -18.47 -5.55
N LYS A 112 -16.46 -17.73 -4.69
CA LYS A 112 -16.45 -16.26 -4.71
C LYS A 112 -15.00 -15.70 -4.57
N ASP A 113 -14.84 -14.42 -4.89
CA ASP A 113 -13.63 -13.66 -4.57
C ASP A 113 -13.24 -13.95 -3.16
N SER A 114 -11.98 -14.24 -2.95
CA SER A 114 -11.51 -14.63 -1.67
C SER A 114 -10.18 -13.96 -1.41
N CYS A 115 -9.70 -14.09 -0.16
CA CYS A 115 -8.49 -13.49 0.24
C CYS A 115 -7.81 -14.42 1.14
N ALA A 116 -6.49 -14.38 1.16
CA ALA A 116 -5.74 -15.36 1.87
C ALA A 116 -5.31 -14.85 3.24
N SER A 117 -5.39 -15.72 4.24
CA SER A 117 -4.77 -15.52 5.56
C SER A 117 -3.91 -16.71 5.87
N VAL A 118 -2.95 -16.47 6.76
CA VAL A 118 -1.99 -17.44 7.21
C VAL A 118 -2.26 -17.74 8.70
N SER A 119 -2.76 -18.95 8.98
CA SER A 119 -2.92 -19.45 10.36
C SER A 119 -1.63 -20.15 10.76
N GLN A 120 -1.61 -20.64 11.98
CA GLN A 120 -0.43 -21.24 12.56
C GLN A 120 0.01 -22.49 11.77
N ASP A 121 -0.98 -23.26 11.28
CA ASP A 121 -0.73 -24.50 10.51
C ASP A 121 -0.96 -24.39 8.99
N LYS A 122 -1.88 -23.53 8.53
CA LYS A 122 -2.36 -23.54 7.12
C LYS A 122 -2.14 -22.21 6.35
N VAL A 123 -2.73 -22.11 5.15
CA VAL A 123 -2.97 -20.85 4.46
C VAL A 123 -4.39 -20.96 3.97
N LEU A 124 -5.23 -19.97 4.26
CA LEU A 124 -6.66 -20.10 4.11
C LEU A 124 -7.28 -19.17 3.13
N SER A 125 -8.11 -19.71 2.26
CA SER A 125 -9.01 -18.92 1.52
C SER A 125 -10.05 -18.50 2.54
N GLU A 126 -10.36 -17.19 2.59
CA GLU A 126 -11.43 -16.60 3.42
C GLU A 126 -12.18 -15.54 2.63
N SER A 127 -13.40 -15.25 3.03
CA SER A 127 -14.12 -14.09 2.51
C SER A 127 -13.23 -12.88 2.83
N CYS A 128 -13.17 -11.96 1.88
CA CYS A 128 -12.32 -10.77 2.00
C CYS A 128 -12.93 -9.81 3.05
N ASP A 129 -14.22 -10.01 3.37
CA ASP A 129 -14.91 -9.29 4.45
C ASP A 129 -14.72 -9.82 5.88
N SER A 130 -14.02 -10.93 6.06
CA SER A 130 -13.59 -11.34 7.41
C SER A 130 -12.65 -10.31 8.02
N ASP A 131 -12.48 -10.36 9.33
CA ASP A 131 -11.57 -9.49 9.99
C ASP A 131 -10.43 -10.32 10.43
N ASN A 132 -9.22 -9.92 10.07
CA ASN A 132 -8.08 -10.54 10.61
C ASN A 132 -7.09 -9.49 10.96
N ILE A 133 -6.28 -9.84 11.92
CA ILE A 133 -4.97 -9.33 12.13
C ILE A 133 -4.26 -9.22 10.75
N TRP A 134 -3.35 -8.28 10.60
CA TRP A 134 -2.55 -8.16 9.37
C TRP A 134 -1.15 -7.82 9.75
N ILE A 135 -0.21 -8.02 8.81
CA ILE A 135 1.19 -7.65 8.97
C ILE A 135 1.56 -6.82 7.72
N CYS A 136 2.26 -5.73 7.92
CA CYS A 136 2.81 -4.89 6.88
C CYS A 136 4.32 -5.16 6.73
N GLN A 137 4.83 -5.03 5.51
CA GLN A 137 6.24 -5.21 5.21
C GLN A 137 6.83 -4.03 4.46
O1 6DN A 138 6.73 4.26 9.88
O2 6DN A 138 5.98 5.08 7.99
CB 6DN A 138 9.20 -1.47 4.87
CA 6DN A 138 8.84 -2.70 4.06
C 6DN A 138 10.07 -3.50 3.76
O 6DN A 138 10.45 -4.38 4.57
N 6DN A 138 8.05 -3.66 4.83
CG 6DN A 138 8.09 -0.41 5.07
CD 6DN A 138 8.56 0.79 5.91
CE 6DN A 138 7.84 2.10 5.58
NZ 6DN A 138 7.73 3.13 6.65
CX1 6DN A 138 6.97 2.93 7.88
CX2 6DN A 138 6.54 4.17 8.63
N GLU A 139 10.67 -3.27 2.59
CA GLU A 139 11.91 -3.91 2.16
C GLU A 139 13.11 -2.93 2.26
N LEU A 140 14.18 -3.37 2.93
CA LEU A 140 15.48 -2.70 2.81
C LEU A 140 16.21 -3.29 1.60
N LYS B 19 12.69 -1.97 -15.84
CA LYS B 19 11.73 -3.10 -16.15
C LYS B 19 10.26 -2.63 -16.12
N CYS B 20 9.64 -2.64 -14.93
CA CYS B 20 8.21 -2.31 -14.71
C CYS B 20 7.28 -3.41 -15.24
N PRO B 21 5.97 -3.28 -14.97
CA PRO B 21 4.99 -4.13 -15.63
C PRO B 21 4.11 -3.39 -16.64
N LYS B 22 3.33 -4.19 -17.38
CA LYS B 22 2.53 -3.72 -18.51
C LYS B 22 1.69 -2.54 -18.07
N ASP B 23 1.78 -1.43 -18.79
CA ASP B 23 0.94 -0.23 -18.62
C ASP B 23 1.40 0.71 -17.51
N TRP B 24 2.61 0.48 -16.99
CA TRP B 24 3.30 1.35 -16.04
C TRP B 24 4.48 2.03 -16.76
N HIS B 25 4.81 3.23 -16.31
CA HIS B 25 5.80 4.09 -16.95
C HIS B 25 7.08 4.16 -16.12
N SER B 26 8.23 3.84 -16.70
CA SER B 26 9.50 3.80 -15.95
C SER B 26 10.17 5.17 -15.93
N HIS B 27 10.92 5.43 -14.88
CA HIS B 27 11.56 6.73 -14.66
C HIS B 27 12.52 6.67 -13.48
N GLN B 28 13.82 6.80 -13.76
CA GLN B 28 14.89 6.55 -12.78
C GLN B 28 14.73 5.11 -12.27
N ASP B 29 14.74 4.90 -10.95
CA ASP B 29 14.58 3.56 -10.39
C ASP B 29 13.10 3.22 -10.05
N LYS B 30 12.15 4.04 -10.50
CA LYS B 30 10.73 3.89 -10.17
C LYS B 30 9.82 3.54 -11.37
N CYS B 31 8.72 2.83 -11.07
CA CYS B 31 7.61 2.61 -12.03
C CYS B 31 6.34 3.28 -11.53
N PHE B 32 5.63 3.98 -12.41
CA PHE B 32 4.40 4.67 -12.08
C PHE B 32 3.19 4.18 -12.85
N HIS B 33 2.03 4.14 -12.20
CA HIS B 33 0.76 3.82 -12.89
C HIS B 33 -0.20 4.89 -12.55
N VAL B 34 -0.80 5.51 -13.55
CA VAL B 34 -1.72 6.59 -13.33
C VAL B 34 -3.10 5.97 -13.33
N SER B 35 -3.96 6.43 -12.42
CA SER B 35 -5.28 5.85 -12.29
C SER B 35 -6.16 6.27 -13.48
N GLN B 36 -7.26 5.55 -13.63
CA GLN B 36 -8.24 5.77 -14.69
C GLN B 36 -9.54 6.33 -14.14
N THR B 37 -9.56 6.54 -12.84
CA THR B 37 -10.68 7.00 -12.13
C THR B 37 -10.14 7.93 -11.05
N SER B 38 -11.06 8.55 -10.34
CA SER B 38 -10.80 9.48 -9.26
CA SER B 38 -10.81 9.48 -9.24
C SER B 38 -11.37 8.84 -8.01
N ILE B 39 -10.72 9.04 -6.86
CA ILE B 39 -11.14 8.34 -5.60
C ILE B 39 -10.69 9.13 -4.35
N THR B 40 -11.19 8.80 -3.16
CA THR B 40 -10.68 9.42 -1.91
C THR B 40 -9.27 8.99 -1.54
N TRP B 41 -8.63 9.76 -0.66
CA TRP B 41 -7.21 9.46 -0.36
C TRP B 41 -7.04 8.06 0.16
N LYS B 42 -7.91 7.66 1.07
CA LYS B 42 -7.82 6.35 1.67
C LYS B 42 -8.11 5.21 0.62
N GLY B 43 -9.06 5.45 -0.26
CA GLY B 43 -9.32 4.51 -1.35
C GLY B 43 -8.11 4.33 -2.23
N SER B 44 -7.36 5.42 -2.47
CA SER B 44 -6.19 5.32 -3.28
C SER B 44 -5.10 4.47 -2.58
N LEU B 45 -5.05 4.54 -1.26
CA LEU B 45 -4.10 3.74 -0.48
C LEU B 45 -4.43 2.27 -0.74
N ALA B 46 -5.71 1.91 -0.66
CA ALA B 46 -6.13 0.50 -0.87
C ALA B 46 -5.83 0.04 -2.29
N ASP B 47 -6.05 0.94 -3.25
CA ASP B 47 -5.76 0.63 -4.64
C ASP B 47 -4.30 0.32 -4.91
N CYS B 48 -3.35 1.16 -4.48
CA CYS B 48 -1.95 0.92 -4.74
C CYS B 48 -1.49 -0.29 -3.91
N GLY B 49 -2.01 -0.45 -2.67
CA GLY B 49 -1.88 -1.67 -1.94
C GLY B 49 -2.19 -2.99 -2.69
N GLY B 50 -3.27 -3.03 -3.43
CA GLY B 50 -3.70 -4.24 -4.19
C GLY B 50 -2.77 -4.50 -5.39
N LYS B 51 -1.97 -3.49 -5.74
CA LYS B 51 -0.98 -3.60 -6.79
C LYS B 51 0.42 -3.72 -6.21
N GLY B 52 0.55 -3.96 -4.90
CA GLY B 52 1.91 -4.06 -4.33
C GLY B 52 2.71 -2.80 -4.50
N ALA B 53 2.03 -1.67 -4.45
CA ALA B 53 2.65 -0.38 -4.66
C ALA B 53 2.26 0.58 -3.51
N THR B 54 2.71 1.81 -3.59
CA THR B 54 2.28 2.85 -2.68
C THR B 54 1.98 4.10 -3.47
N LEU B 55 1.28 5.02 -2.83
CA LEU B 55 1.22 6.38 -3.29
C LEU B 55 2.62 7.00 -3.37
N LEU B 56 2.68 8.12 -4.08
CA LEU B 56 3.97 8.73 -4.44
C LEU B 56 4.78 9.29 -3.27
N LEU B 57 6.05 8.93 -3.13
CA LEU B 57 7.00 9.67 -2.27
C LEU B 57 7.88 10.47 -3.24
N VAL B 58 7.62 11.77 -3.36
CA VAL B 58 8.31 12.59 -4.33
C VAL B 58 9.79 12.65 -3.98
N GLN B 59 10.61 12.28 -4.96
CA GLN B 59 12.07 12.30 -4.82
C GLN B 59 12.68 13.66 -5.13
N ASP B 60 12.35 14.23 -6.30
CA ASP B 60 12.93 15.54 -6.78
C ASP B 60 11.85 16.45 -7.33
N GLN B 61 12.21 17.70 -7.57
CA GLN B 61 11.37 18.58 -8.38
C GLN B 61 11.40 18.11 -9.86
N GLU B 62 12.50 17.46 -10.24
CA GLU B 62 12.61 16.65 -11.48
C GLU B 62 11.50 15.62 -11.63
N GLU B 63 11.34 14.74 -10.63
CA GLU B 63 10.26 13.74 -10.64
C GLU B 63 8.91 14.43 -10.71
N LEU B 64 8.72 15.50 -9.94
CA LEU B 64 7.43 16.18 -9.96
C LEU B 64 7.12 16.79 -11.31
N ARG B 65 8.17 17.14 -12.06
CA ARG B 65 8.02 17.59 -13.44
C ARG B 65 7.56 16.46 -14.36
N PHE B 66 8.31 15.36 -14.36
CA PHE B 66 7.95 14.18 -15.13
C PHE B 66 6.49 13.68 -14.97
N LEU B 67 5.94 13.73 -13.75
CA LEU B 67 4.58 13.26 -13.49
C LEU B 67 3.56 14.30 -13.85
N ARG B 68 3.90 15.56 -13.64
CA ARG B 68 3.06 16.67 -14.08
C ARG B 68 2.84 16.60 -15.59
N ASN B 69 3.87 16.21 -16.34
CA ASN B 69 3.75 16.04 -17.80
C ASN B 69 2.83 14.84 -18.06
N LEU B 70 3.27 13.65 -17.65
CA LEU B 70 2.45 12.42 -17.75
C LEU B 70 0.94 12.58 -17.42
N THR B 71 0.64 13.43 -16.45
CA THR B 71 -0.75 13.70 -16.03
C THR B 71 -1.36 14.97 -16.64
N LYS B 72 -0.63 15.63 -17.55
CA LYS B 72 -1.11 16.85 -18.24
C LYS B 72 -2.44 16.60 -18.94
N ARG B 73 -2.47 15.55 -19.78
CA ARG B 73 -3.68 15.11 -20.52
C ARG B 73 -4.89 14.86 -19.63
N ILE B 74 -4.65 14.32 -18.43
CA ILE B 74 -5.72 14.00 -17.47
C ILE B 74 -6.22 15.23 -16.68
N SER B 75 -5.42 16.32 -16.66
CA SER B 75 -5.71 17.56 -15.88
C SER B 75 -5.73 17.22 -14.38
N SER B 76 -6.77 17.63 -13.63
CA SER B 76 -7.29 16.90 -12.44
C SER B 76 -6.61 17.10 -11.04
N SER B 77 -5.33 16.77 -10.97
CA SER B 77 -4.50 16.80 -9.73
C SER B 77 -4.58 15.47 -8.99
N PHE B 78 -3.40 14.91 -8.77
CA PHE B 78 -3.26 13.54 -8.33
C PHE B 78 -2.76 13.43 -6.91
N TRP B 79 -3.41 12.55 -6.16
CA TRP B 79 -3.04 12.28 -4.79
C TRP B 79 -1.58 11.85 -4.67
N ILE B 80 -0.93 12.29 -3.57
CA ILE B 80 0.36 11.80 -3.18
C ILE B 80 0.40 11.27 -1.74
N GLY B 81 1.51 10.63 -1.41
CA GLY B 81 1.62 9.95 -0.15
C GLY B 81 2.02 10.88 0.99
N LEU B 82 1.19 11.86 1.28
CA LEU B 82 1.54 12.95 2.20
C LEU B 82 0.28 13.40 2.76
N SER B 83 0.22 13.57 4.06
CA SER B 83 -1.00 13.97 4.73
C SER B 83 -0.69 14.69 6.04
N TYR B 84 -1.71 15.32 6.62
CA TYR B 84 -1.67 15.98 7.90
C TYR B 84 -2.72 15.40 8.81
N THR B 85 -2.35 14.83 9.95
CA THR B 85 -3.31 14.38 10.95
C THR B 85 -3.21 15.33 12.15
N LEU B 86 -4.33 15.87 12.59
CA LEU B 86 -4.38 16.98 13.55
C LEU B 86 -3.69 16.62 14.88
N SER B 87 -3.86 15.39 15.33
CA SER B 87 -3.20 14.88 16.52
C SER B 87 -1.65 14.86 16.46
N ASP B 88 -1.08 14.62 15.26
CA ASP B 88 0.40 14.68 15.06
C ASP B 88 0.92 16.08 15.13
N GLU B 89 0.12 17.05 14.68
CA GLU B 89 0.46 18.46 14.60
C GLU B 89 1.46 18.77 13.48
N LYS B 90 1.60 17.91 12.47
CA LYS B 90 2.56 18.15 11.38
C LYS B 90 2.24 17.34 10.10
N TRP B 91 2.76 17.81 8.96
CA TRP B 91 2.69 17.11 7.68
C TRP B 91 3.69 15.97 7.64
N LYS B 92 3.21 14.80 7.23
CA LYS B 92 4.01 13.57 7.17
C LYS B 92 3.77 12.78 5.92
N TRP B 93 4.85 12.41 5.23
CA TRP B 93 4.83 11.43 4.16
C TRP B 93 4.45 10.07 4.76
N ILE B 94 3.92 9.20 3.91
CA ILE B 94 3.58 7.87 4.32
C ILE B 94 4.75 7.03 4.81
N ASN B 95 5.97 7.42 4.47
CA ASN B 95 7.19 6.80 5.05
C ASN B 95 7.53 7.20 6.49
N GLY B 96 6.72 8.03 7.13
CA GLY B 96 6.99 8.52 8.48
C GLY B 96 7.74 9.84 8.59
N SER B 97 8.46 10.30 7.56
CA SER B 97 9.21 11.57 7.65
C SER B 97 8.32 12.77 7.63
N THR B 98 8.67 13.81 8.40
CA THR B 98 7.99 15.09 8.35
C THR B 98 8.33 15.74 7.05
N LEU B 99 7.38 16.50 6.49
CA LEU B 99 7.58 17.20 5.24
C LEU B 99 8.56 18.37 5.46
N ASN B 100 9.61 18.43 4.64
CA ASN B 100 10.42 19.63 4.42
C ASN B 100 9.75 20.70 3.57
N SER B 101 9.30 21.79 4.21
CA SER B 101 8.49 22.87 3.62
C SER B 101 9.07 23.60 2.43
N ASP B 102 10.39 23.51 2.23
CA ASP B 102 11.04 24.04 1.03
C ASP B 102 11.96 23.00 0.34
N ALA B 103 11.67 21.72 0.56
CA ALA B 103 11.88 20.73 -0.50
C ALA B 103 10.59 20.75 -1.33
N LEU B 104 9.45 20.87 -0.65
CA LEU B 104 8.16 20.90 -1.28
C LEU B 104 7.19 21.72 -0.44
N ASN B 105 6.57 22.72 -1.06
CA ASN B 105 5.75 23.68 -0.33
C ASN B 105 4.26 23.41 -0.51
N ILE B 106 3.61 23.02 0.56
CA ILE B 106 2.18 22.73 0.48
C ILE B 106 1.40 24.00 0.77
N THR B 107 0.32 24.20 0.03
CA THR B 107 -0.48 25.42 0.09
C THR B 107 -1.96 25.07 0.43
N GLY B 108 -2.53 25.76 1.42
CA GLY B 108 -3.94 25.57 1.80
C GLY B 108 -4.07 25.40 3.28
N ASP B 109 -5.31 25.37 3.78
CA ASP B 109 -5.56 25.37 5.23
C ASP B 109 -5.30 24.03 5.92
N THR B 110 -5.27 24.04 7.26
CA THR B 110 -5.09 22.83 8.07
C THR B 110 -5.83 22.84 9.41
N GLU B 111 -7.09 23.29 9.41
CA GLU B 111 -7.92 23.20 10.63
C GLU B 111 -8.53 21.81 10.81
N LYS B 112 -8.44 20.96 9.77
CA LYS B 112 -8.77 19.53 9.85
C LYS B 112 -7.66 18.65 9.24
N ASP B 113 -7.74 17.35 9.52
CA ASP B 113 -6.98 16.33 8.79
C ASP B 113 -7.09 16.62 7.32
N SER B 114 -5.98 16.62 6.63
CA SER B 114 -5.99 16.94 5.23
C SER B 114 -5.07 15.96 4.54
N CYS B 115 -5.07 16.00 3.21
CA CYS B 115 -4.30 15.09 2.42
C CYS B 115 -3.80 15.87 1.26
N ALA B 116 -2.63 15.55 0.77
CA ALA B 116 -2.05 16.37 -0.24
C ALA B 116 -2.30 15.82 -1.63
N SER B 117 -2.53 16.72 -2.58
CA SER B 117 -2.53 16.43 -4.02
C SER B 117 -1.60 17.38 -4.73
N VAL B 118 -1.26 17.02 -5.95
CA VAL B 118 -0.31 17.72 -6.78
C VAL B 118 -1.03 18.17 -8.06
N SER B 119 -1.30 19.47 -8.17
CA SER B 119 -1.83 20.07 -9.41
C SER B 119 -0.67 20.46 -10.32
N GLN B 120 -1.02 20.94 -11.49
CA GLN B 120 -0.03 21.35 -12.49
C GLN B 120 0.91 22.43 -11.94
N ASP B 121 0.37 23.37 -11.16
CA ASP B 121 1.15 24.50 -10.63
C ASP B 121 1.49 24.46 -9.13
N LYS B 122 0.75 23.69 -8.31
CA LYS B 122 0.86 23.73 -6.83
C LYS B 122 1.03 22.36 -6.14
N VAL B 123 0.98 22.36 -4.80
CA VAL B 123 0.72 21.15 -4.01
C VAL B 123 -0.32 21.60 -3.03
N LEU B 124 -1.41 20.83 -2.90
CA LEU B 124 -2.60 21.30 -2.21
C LEU B 124 -2.98 20.50 -1.02
N SER B 125 -3.24 21.17 0.08
CA SER B 125 -3.91 20.58 1.17
C SER B 125 -5.34 20.48 0.68
N GLU B 126 -5.96 19.27 0.77
CA GLU B 126 -7.38 19.05 0.48
C GLU B 126 -8.02 18.17 1.55
N SER B 127 -9.34 18.22 1.62
CA SER B 127 -10.06 17.23 2.41
C SER B 127 -9.66 15.83 1.86
N CYS B 128 -9.49 14.89 2.76
CA CYS B 128 -9.08 13.53 2.40
C CYS B 128 -10.28 12.79 1.72
N ASP B 129 -11.49 13.34 1.89
CA ASP B 129 -12.69 12.85 1.22
C ASP B 129 -12.96 13.42 -0.18
N SER B 130 -12.11 14.29 -0.70
CA SER B 130 -12.18 14.66 -2.12
C SER B 130 -11.80 13.48 -3.00
N ASP B 131 -12.15 13.58 -4.28
CA ASP B 131 -11.86 12.54 -5.21
C ASP B 131 -10.80 13.08 -6.07
N ASN B 132 -9.69 12.37 -6.19
CA ASN B 132 -8.71 12.72 -7.17
C ASN B 132 -8.22 11.48 -7.80
N ILE B 133 -7.76 11.65 -9.02
CA ILE B 133 -6.82 10.83 -9.70
C ILE B 133 -5.66 10.49 -8.70
N TRP B 134 -5.04 9.34 -8.86
CA TRP B 134 -3.87 8.96 -8.04
C TRP B 134 -2.87 8.32 -8.92
N ILE B 135 -1.62 8.25 -8.42
CA ILE B 135 -0.52 7.58 -9.08
C ILE B 135 0.07 6.62 -8.05
N CYS B 136 0.37 5.41 -8.46
CA CYS B 136 1.02 4.38 -7.67
C CYS B 136 2.48 4.28 -8.13
N GLN B 137 3.39 4.00 -7.18
CA GLN B 137 4.78 3.76 -7.47
C GLN B 137 5.27 2.43 -6.97
O1 6DN B 138 0.93 -6.10 -9.42
O2 6DN B 138 0.79 -5.42 -11.50
CB 6DN B 138 6.58 -0.54 -8.15
CA 6DN B 138 6.92 0.68 -7.30
C 6DN B 138 8.35 1.10 -7.56
O 6DN B 138 8.61 1.87 -8.51
N 6DN B 138 6.14 1.81 -7.74
CG 6DN B 138 5.23 -1.22 -7.91
CD 6DN B 138 5.11 -2.59 -8.63
CE 6DN B 138 3.85 -3.34 -8.22
NZ 6DN B 138 3.30 -4.43 -9.06
CX1 6DN B 138 2.17 -4.18 -9.97
CX2 6DN B 138 1.23 -5.31 -10.32
N GLU B 139 9.26 0.61 -6.72
CA GLU B 139 10.71 0.87 -6.81
C GLU B 139 11.49 -0.36 -7.32
N LEU B 140 12.33 -0.15 -8.34
CA LEU B 140 13.37 -1.08 -8.72
C LEU B 140 14.64 -0.71 -7.94
C1 NAG C . 5.63 -12.01 -6.20
C2 NAG C . 7.04 -12.25 -6.71
C3 NAG C . 7.32 -13.74 -6.74
C4 NAG C . 7.21 -14.21 -5.29
C5 NAG C . 5.87 -13.80 -4.65
C6 NAG C . 5.83 -14.06 -3.19
C7 NAG C . 8.13 -10.77 -8.35
C8 NAG C . 9.30 -10.50 -7.46
N2 NAG C . 7.16 -11.60 -7.98
O3 NAG C . 8.65 -13.91 -7.25
O4 NAG C . 7.33 -15.65 -5.17
O5 NAG C . 5.70 -12.41 -4.83
O6 NAG C . 6.95 -13.38 -2.61
O7 NAG C . 8.03 -10.29 -9.47
C1 NAG C . 8.66 -16.00 -4.74
C2 NAG C . 8.66 -17.44 -4.31
C3 NAG C . 10.04 -17.98 -4.00
C4 NAG C . 11.06 -17.65 -5.07
C5 NAG C . 10.96 -16.14 -5.31
C6 NAG C . 12.01 -15.56 -6.24
C7 NAG C . 6.59 -18.17 -3.26
C8 NAG C . 5.81 -18.32 -2.01
N2 NAG C . 7.79 -17.63 -3.16
O3 NAG C . 9.92 -19.39 -3.90
O4 NAG C . 12.32 -18.05 -4.50
O5 NAG C . 9.63 -15.85 -5.78
O6 NAG C . 11.81 -16.06 -7.55
O7 NAG C . 6.15 -18.49 -4.34
C1 BMA C . 13.11 -19.03 -5.23
C2 BMA C . 14.47 -18.41 -5.54
C3 BMA C . 15.32 -19.34 -6.40
C4 BMA C . 15.36 -20.76 -5.84
C5 BMA C . 14.08 -21.27 -5.17
C6 BMA C . 14.42 -22.39 -4.18
O2 BMA C . 15.16 -18.07 -4.32
O3 BMA C . 16.65 -18.82 -6.55
O4 BMA C . 15.71 -21.64 -6.91
O5 BMA C . 13.32 -20.24 -4.49
O6 BMA C . 13.42 -23.41 -4.15
C1 NAG D . 10.35 9.97 2.91
C2 NAG D . 11.86 9.83 2.84
C3 NAG D . 12.49 11.20 2.66
C4 NAG D . 11.94 11.74 1.33
C5 NAG D . 10.41 11.72 1.31
C6 NAG D . 9.85 12.06 -0.04
C7 NAG D . 13.06 8.02 4.00
C8 NAG D . 13.70 7.52 2.74
N2 NAG D . 12.28 9.09 3.98
O3 NAG D . 13.91 11.04 2.59
O4 NAG D . 12.38 13.10 1.12
O5 NAG D . 9.98 10.41 1.62
O6 NAG D . 10.43 11.14 -0.98
O7 NAG D . 13.26 7.51 5.09
C1 NAG D . 13.46 13.12 0.19
C2 NAG D . 13.65 14.53 -0.28
C3 NAG D . 14.89 14.72 -1.14
C4 NAG D . 16.12 14.09 -0.55
C5 NAG D . 15.75 12.65 -0.21
C6 NAG D . 16.91 11.76 0.27
C7 NAG D . 11.58 15.82 -0.48
C8 NAG D . 10.45 16.24 -1.33
N2 NAG D . 12.47 15.00 -1.01
O3 NAG D . 15.09 16.13 -1.28
O4 NAG D . 17.12 14.19 -1.57
O5 NAG D . 14.68 12.65 0.76
O6 NAG D . 17.36 12.19 1.55
O7 NAG D . 11.69 16.20 0.68
C1 BMA D . 18.36 14.89 -1.27
C2 BMA D . 19.53 13.92 -1.48
C3 BMA D . 20.85 14.56 -1.07
C4 BMA D . 21.04 15.95 -1.69
C5 BMA D . 19.77 16.82 -1.83
C6 BMA D . 19.98 17.85 -2.94
O2 BMA D . 19.58 13.46 -2.85
O3 BMA D . 21.96 13.71 -1.45
O4 BMA D . 21.97 16.66 -0.87
O5 BMA D . 18.57 16.06 -2.09
O6 BMA D . 19.35 19.11 -2.64
#